data_1CW4
#
_entry.id   1CW4
#
_cell.length_a   102.800
_cell.length_b   102.800
_cell.length_c   150.100
_cell.angle_alpha   90.00
_cell.angle_beta   90.00
_cell.angle_gamma   90.00
#
_symmetry.space_group_name_H-M   'P 43 21 2'
#
loop_
_entity.id
_entity.type
_entity.pdbx_description
1 polymer 'ISOCITRATE DEHYDROGENASE'
2 non-polymer 'MANGANESE (II) ION'
3 non-polymer 'SULFATE ION'
4 non-polymer '2-OXOGLUTARIC ACID'
5 water water
#
_entity_poly.entity_id   1
_entity_poly.type   'polypeptide(L)'
_entity_poly.pdbx_seq_one_letter_code
;MESKVVVPAQGKKITLQNGKLNVPENPIIPYIEGDGIGVDVTPAMLKVVDAAVEKAYKGERKISWMEIYTGEKSTQVYGQ
DVWLPAETLDLIREYRVAIKGPLTTPVGGGIRSLNVALRQELDLYICLRPVRYYQGTPSPVKHPELTDMVIFRENSEDIY
AGIEWKADSADAEKVIKFLREEMGVKKIRFPEHCGIGIKPCSEEGTKRLVRAAIEYAIANDRDSVTLVHMGNIMKFTEGA
FKDWGYQLAREEFGGELIDGGPWLKVKNPNTGKEIVIKDVIADAFLQQILLRPAEYDVIACMNLNGDYISDALAAQVGGI
GIAPGANIGDECALFEATHGTAPKYAGQDKVNPGSIILSAEMMLRHMGWTEAADLIVKGMEGAINAKTVTYDFERLMDGA
KLLKCSEFGDAIIENM
;
_entity_poly.pdbx_strand_id   A
#
loop_
_chem_comp.id
_chem_comp.type
_chem_comp.name
_chem_comp.formula
AKG non-polymer '2-OXOGLUTARIC ACID' 'C5 H6 O5'
MN non-polymer 'MANGANESE (II) ION' 'Mn 2'
SO4 non-polymer 'SULFATE ION' 'O4 S -2'
#
# COMPACT_ATOMS: atom_id res chain seq x y z
N GLU A 2 12.63 -29.52 2.86
CA GLU A 2 13.04 -28.88 4.14
C GLU A 2 13.22 -27.40 3.83
N SER A 3 12.92 -26.55 4.81
CA SER A 3 13.04 -25.11 4.62
C SER A 3 14.46 -24.65 4.40
N LYS A 4 14.61 -23.64 3.53
CA LYS A 4 15.91 -23.06 3.25
C LYS A 4 16.00 -21.67 3.89
N VAL A 5 15.00 -21.34 4.70
CA VAL A 5 14.99 -20.06 5.39
C VAL A 5 15.86 -20.23 6.62
N VAL A 6 16.79 -19.30 6.83
CA VAL A 6 17.69 -19.36 7.97
C VAL A 6 17.30 -18.32 9.02
N VAL A 7 16.83 -18.78 10.17
CA VAL A 7 16.45 -17.88 11.25
C VAL A 7 17.75 -17.31 11.83
N PRO A 8 17.89 -15.98 11.88
CA PRO A 8 19.10 -15.35 12.42
C PRO A 8 19.40 -15.79 13.85
N ALA A 9 20.65 -16.16 14.10
CA ALA A 9 21.07 -16.60 15.44
C ALA A 9 20.88 -15.48 16.45
N GLN A 10 21.34 -14.29 16.08
CA GLN A 10 21.18 -13.11 16.94
C GLN A 10 19.94 -12.43 16.38
N GLY A 11 18.95 -12.21 17.24
CA GLY A 11 17.72 -11.60 16.81
C GLY A 11 16.57 -12.18 17.61
N LYS A 12 15.52 -11.39 17.76
CA LYS A 12 14.37 -11.82 18.54
C LYS A 12 13.08 -11.48 17.81
N LYS A 13 12.10 -12.37 17.94
CA LYS A 13 10.79 -12.21 17.32
C LYS A 13 9.99 -11.08 17.98
N ILE A 14 9.32 -10.30 17.14
CA ILE A 14 8.45 -9.21 17.60
C ILE A 14 7.20 -9.93 18.06
N THR A 15 6.56 -9.41 19.10
CA THR A 15 5.34 -10.05 19.60
C THR A 15 4.19 -9.03 19.57
N LEU A 16 2.98 -9.53 19.76
CA LEU A 16 1.79 -8.69 19.75
C LEU A 16 1.04 -8.91 21.05
N GLN A 17 0.71 -7.83 21.74
CA GLN A 17 -0.03 -7.92 23.00
C GLN A 17 -1.00 -6.74 23.08
N ASN A 18 -2.29 -7.05 23.23
CA ASN A 18 -3.33 -6.03 23.34
C ASN A 18 -3.32 -5.07 22.17
N GLY A 19 -3.11 -5.60 20.97
CA GLY A 19 -3.09 -4.78 19.78
C GLY A 19 -1.89 -3.87 19.68
N LYS A 20 -0.86 -4.13 20.50
CA LYS A 20 0.35 -3.33 20.47
C LYS A 20 1.54 -4.23 20.23
N LEU A 21 2.42 -3.81 19.34
CA LEU A 21 3.62 -4.55 19.00
C LEU A 21 4.69 -4.36 20.03
N ASN A 22 5.29 -5.47 20.46
CA ASN A 22 6.38 -5.46 21.42
C ASN A 22 7.61 -5.76 20.59
N VAL A 23 8.29 -4.70 20.18
CA VAL A 23 9.48 -4.79 19.35
C VAL A 23 10.79 -4.70 20.13
N PRO A 24 11.61 -5.75 20.04
CA PRO A 24 12.90 -5.78 20.74
C PRO A 24 13.90 -4.91 19.98
N GLU A 25 15.05 -4.66 20.59
CA GLU A 25 16.09 -3.85 19.98
C GLU A 25 16.75 -4.58 18.81
N ASN A 26 16.60 -5.90 18.82
CA ASN A 26 17.17 -6.78 17.80
C ASN A 26 16.08 -7.61 17.11
N PRO A 27 15.08 -6.94 16.49
CA PRO A 27 14.00 -7.69 15.83
C PRO A 27 14.40 -8.38 14.54
N ILE A 28 13.85 -9.57 14.33
CA ILE A 28 14.11 -10.33 13.12
C ILE A 28 13.06 -9.84 12.13
N ILE A 29 13.49 -9.36 10.98
CA ILE A 29 12.54 -8.87 9.98
C ILE A 29 12.67 -9.67 8.68
N PRO A 30 11.60 -10.41 8.32
CA PRO A 30 11.61 -11.19 7.07
C PRO A 30 11.54 -10.25 5.88
N TYR A 31 12.25 -10.58 4.81
CA TYR A 31 12.20 -9.75 3.62
C TYR A 31 12.22 -10.59 2.37
N ILE A 32 11.45 -10.17 1.37
CA ILE A 32 11.37 -10.84 0.09
C ILE A 32 12.08 -9.93 -0.90
N GLU A 33 13.16 -10.45 -1.51
CA GLU A 33 13.95 -9.69 -2.47
C GLU A 33 13.10 -9.03 -3.57
N GLY A 34 12.19 -9.81 -4.15
CA GLY A 34 11.36 -9.28 -5.22
C GLY A 34 11.92 -9.65 -6.58
N ASP A 35 11.06 -9.76 -7.58
CA ASP A 35 11.45 -10.10 -8.93
C ASP A 35 12.09 -8.90 -9.63
N GLY A 36 12.68 -9.14 -10.79
CA GLY A 36 13.30 -8.09 -11.59
C GLY A 36 14.22 -7.16 -10.83
N ILE A 37 13.87 -5.88 -10.82
CA ILE A 37 14.66 -4.87 -10.15
C ILE A 37 14.77 -5.02 -8.63
N GLY A 38 14.05 -5.99 -8.07
CA GLY A 38 14.13 -6.22 -6.64
C GLY A 38 15.58 -6.55 -6.28
N VAL A 39 16.29 -7.11 -7.25
CA VAL A 39 17.69 -7.49 -7.04
C VAL A 39 18.55 -6.21 -6.87
N ASP A 40 18.05 -5.08 -7.36
CA ASP A 40 18.75 -3.80 -7.27
C ASP A 40 18.30 -2.96 -6.08
N VAL A 41 16.98 -2.79 -5.95
CA VAL A 41 16.42 -1.97 -4.89
C VAL A 41 16.50 -2.53 -3.47
N THR A 42 16.37 -3.84 -3.30
CA THR A 42 16.44 -4.42 -1.97
C THR A 42 17.78 -4.19 -1.25
N PRO A 43 18.92 -4.43 -1.94
CA PRO A 43 20.22 -4.22 -1.27
C PRO A 43 20.34 -2.77 -0.80
N ALA A 44 19.89 -1.84 -1.63
CA ALA A 44 19.92 -0.42 -1.32
C ALA A 44 19.07 -0.14 -0.07
N MET A 45 17.90 -0.76 -0.01
CA MET A 45 17.00 -0.59 1.11
C MET A 45 17.62 -1.13 2.41
N LEU A 46 18.19 -2.33 2.35
CA LEU A 46 18.82 -2.93 3.53
C LEU A 46 19.92 -2.02 4.07
N LYS A 47 20.73 -1.47 3.17
CA LYS A 47 21.82 -0.58 3.57
C LYS A 47 21.31 0.74 4.15
N VAL A 48 20.30 1.31 3.52
CA VAL A 48 19.73 2.57 3.99
C VAL A 48 19.07 2.41 5.34
N VAL A 49 18.30 1.33 5.51
CA VAL A 49 17.61 1.08 6.77
C VAL A 49 18.64 0.86 7.89
N ASP A 50 19.64 0.04 7.63
CA ASP A 50 20.67 -0.23 8.63
C ASP A 50 21.38 1.05 9.06
N ALA A 51 21.64 1.95 8.12
CA ALA A 51 22.32 3.21 8.45
C ALA A 51 21.41 4.09 9.30
N ALA A 52 20.12 4.13 8.97
CA ALA A 52 19.16 4.93 9.72
C ALA A 52 19.04 4.41 11.15
N VAL A 53 18.95 3.09 11.28
CA VAL A 53 18.82 2.44 12.58
C VAL A 53 20.09 2.66 13.42
N GLU A 54 21.25 2.46 12.80
CA GLU A 54 22.53 2.65 13.48
C GLU A 54 22.68 4.09 13.95
N LYS A 55 22.35 5.03 13.07
CA LYS A 55 22.46 6.45 13.40
C LYS A 55 21.45 6.91 14.45
N ALA A 56 20.21 6.47 14.32
CA ALA A 56 19.17 6.87 15.26
C ALA A 56 19.38 6.38 16.68
N TYR A 57 19.73 5.11 16.82
CA TYR A 57 19.89 4.53 18.15
C TYR A 57 21.31 4.27 18.63
N LYS A 58 22.27 4.91 17.98
CA LYS A 58 23.69 4.81 18.35
C LYS A 58 24.15 3.38 18.59
N GLY A 59 23.82 2.48 17.67
CA GLY A 59 24.24 1.10 17.81
C GLY A 59 23.48 0.25 18.82
N GLU A 60 22.54 0.84 19.55
CA GLU A 60 21.78 0.06 20.54
C GLU A 60 20.81 -0.92 19.89
N ARG A 61 20.25 -0.53 18.75
CA ARG A 61 19.29 -1.38 18.04
C ARG A 61 19.84 -1.83 16.69
N LYS A 62 19.42 -3.01 16.26
CA LYS A 62 19.85 -3.56 14.98
C LYS A 62 18.89 -4.62 14.49
N ILE A 63 18.42 -4.46 13.25
CA ILE A 63 17.50 -5.42 12.66
C ILE A 63 18.26 -6.64 12.16
N SER A 64 17.71 -7.82 12.42
CA SER A 64 18.30 -9.07 11.94
C SER A 64 17.43 -9.48 10.76
N TRP A 65 17.91 -9.16 9.56
CA TRP A 65 17.17 -9.48 8.33
C TRP A 65 17.13 -10.97 8.06
N MET A 66 15.98 -11.48 7.66
CA MET A 66 15.83 -12.89 7.36
C MET A 66 15.12 -12.99 6.01
N GLU A 67 15.81 -13.50 5.01
CA GLU A 67 15.23 -13.64 3.69
C GLU A 67 14.22 -14.77 3.56
N ILE A 68 13.05 -14.44 3.03
CA ILE A 68 12.00 -15.43 2.79
C ILE A 68 11.68 -15.34 1.29
N TYR A 69 10.88 -16.27 0.77
CA TYR A 69 10.64 -16.28 -0.67
C TYR A 69 9.22 -16.27 -1.19
N THR A 70 9.06 -15.61 -2.33
CA THR A 70 7.79 -15.50 -3.03
C THR A 70 8.14 -14.98 -4.42
N GLY A 71 7.49 -15.51 -5.44
CA GLY A 71 7.75 -15.08 -6.80
C GLY A 71 8.75 -15.98 -7.51
N GLU A 72 9.39 -15.42 -8.52
CA GLU A 72 10.36 -16.12 -9.35
C GLU A 72 11.49 -16.73 -8.52
N LYS A 73 11.99 -16.00 -7.52
CA LYS A 73 13.08 -16.54 -6.69
C LYS A 73 12.62 -17.73 -5.86
N SER A 74 11.33 -17.82 -5.57
CA SER A 74 10.82 -18.95 -4.80
C SER A 74 10.92 -20.22 -5.65
N THR A 75 10.56 -20.13 -6.93
CA THR A 75 10.60 -21.29 -7.80
C THR A 75 12.03 -21.81 -7.94
N GLN A 76 12.99 -20.88 -7.93
CA GLN A 76 14.39 -21.23 -8.03
C GLN A 76 14.96 -21.81 -6.73
N VAL A 77 14.36 -21.43 -5.60
CA VAL A 77 14.83 -21.92 -4.31
C VAL A 77 14.16 -23.23 -3.91
N TYR A 78 12.84 -23.30 -4.09
CA TYR A 78 12.08 -24.48 -3.70
C TYR A 78 11.61 -25.36 -4.84
N GLY A 79 11.73 -24.88 -6.07
CA GLY A 79 11.31 -25.68 -7.20
C GLY A 79 10.19 -25.15 -8.06
N GLN A 80 10.00 -25.84 -9.17
CA GLN A 80 9.02 -25.54 -10.22
C GLN A 80 7.73 -24.81 -9.89
N ASP A 81 6.81 -25.41 -9.15
CA ASP A 81 5.54 -24.76 -8.88
C ASP A 81 5.44 -23.97 -7.59
N VAL A 82 6.56 -23.74 -6.90
CA VAL A 82 6.50 -23.02 -5.64
C VAL A 82 6.62 -21.51 -5.84
N TRP A 83 5.49 -20.86 -6.13
CA TRP A 83 5.48 -19.42 -6.33
C TRP A 83 5.29 -18.69 -5.01
N LEU A 84 4.49 -19.27 -4.13
CA LEU A 84 4.21 -18.70 -2.82
C LEU A 84 4.15 -19.85 -1.82
N PRO A 85 5.27 -20.15 -1.15
CA PRO A 85 5.40 -21.22 -0.16
C PRO A 85 4.51 -20.98 1.05
N ALA A 86 3.97 -22.05 1.61
CA ALA A 86 3.12 -21.95 2.79
C ALA A 86 3.89 -21.29 3.93
N GLU A 87 5.18 -21.60 4.02
CA GLU A 87 6.03 -21.04 5.09
C GLU A 87 6.16 -19.52 5.04
N THR A 88 6.05 -18.93 3.86
CA THR A 88 6.15 -17.47 3.73
C THR A 88 4.96 -16.81 4.43
N LEU A 89 3.78 -17.38 4.25
CA LEU A 89 2.59 -16.86 4.89
C LEU A 89 2.73 -17.07 6.41
N ASP A 90 3.30 -18.21 6.78
CA ASP A 90 3.51 -18.54 8.19
C ASP A 90 4.53 -17.61 8.83
N LEU A 91 5.64 -17.39 8.14
CA LEU A 91 6.71 -16.56 8.65
C LEU A 91 6.29 -15.10 8.84
N ILE A 92 5.56 -14.56 7.87
CA ILE A 92 5.11 -13.17 7.98
C ILE A 92 4.20 -13.02 9.19
N ARG A 93 3.27 -13.97 9.35
CA ARG A 93 2.35 -13.93 10.49
C ARG A 93 3.14 -14.08 11.80
N GLU A 94 4.05 -15.05 11.82
CA GLU A 94 4.87 -15.33 12.99
C GLU A 94 5.74 -14.15 13.41
N TYR A 95 6.42 -13.52 12.46
CA TYR A 95 7.30 -12.41 12.77
C TYR A 95 6.67 -11.01 12.79
N ARG A 96 5.38 -10.96 12.51
CA ARG A 96 4.59 -9.71 12.57
C ARG A 96 4.86 -8.58 11.57
N VAL A 97 6.12 -8.38 11.20
CA VAL A 97 6.49 -7.31 10.29
C VAL A 97 7.44 -7.82 9.22
N ALA A 98 7.17 -7.48 7.96
CA ALA A 98 8.01 -7.89 6.83
C ALA A 98 7.93 -6.89 5.71
N ILE A 99 8.89 -6.94 4.79
CA ILE A 99 8.94 -6.03 3.65
C ILE A 99 9.30 -6.82 2.38
N LYS A 100 8.93 -6.31 1.21
CA LYS A 100 9.23 -7.00 -0.03
C LYS A 100 9.42 -6.10 -1.24
N GLY A 101 10.21 -6.58 -2.19
CA GLY A 101 10.44 -5.85 -3.42
C GLY A 101 9.27 -6.13 -4.35
N PRO A 102 9.32 -5.66 -5.60
CA PRO A 102 8.22 -5.89 -6.55
C PRO A 102 8.06 -7.37 -6.86
N LEU A 103 6.82 -7.79 -7.10
CA LEU A 103 6.51 -9.18 -7.39
C LEU A 103 5.75 -9.26 -8.69
N THR A 104 5.98 -10.31 -9.44
CA THR A 104 5.28 -10.48 -10.71
C THR A 104 4.61 -11.85 -10.68
N THR A 105 3.47 -11.93 -11.33
CA THR A 105 2.71 -13.17 -11.40
C THR A 105 2.85 -13.72 -12.81
N PRO A 106 3.13 -15.03 -12.93
CA PRO A 106 3.29 -15.66 -14.24
C PRO A 106 1.94 -15.83 -14.93
N VAL A 107 1.94 -15.85 -16.26
CA VAL A 107 0.71 -16.03 -17.00
C VAL A 107 0.78 -17.36 -17.76
N GLY A 108 -0.36 -18.00 -17.91
CA GLY A 108 -0.41 -19.28 -18.60
C GLY A 108 -0.65 -20.43 -17.66
N GLY A 109 -0.38 -20.22 -16.38
CA GLY A 109 -0.58 -21.28 -15.40
C GLY A 109 -1.82 -21.14 -14.53
N GLY A 110 -2.66 -20.17 -14.85
CA GLY A 110 -3.88 -19.97 -14.09
C GLY A 110 -3.70 -19.45 -12.68
N ILE A 111 -2.52 -18.90 -12.38
CA ILE A 111 -2.24 -18.37 -11.04
C ILE A 111 -2.65 -16.91 -10.98
N ARG A 112 -3.31 -16.50 -9.90
CA ARG A 112 -3.72 -15.11 -9.72
C ARG A 112 -2.68 -14.31 -8.97
N SER A 113 -2.75 -12.98 -9.12
CA SER A 113 -1.83 -12.04 -8.50
C SER A 113 -1.25 -12.50 -7.16
N LEU A 114 0.07 -12.62 -7.10
CA LEU A 114 0.75 -13.03 -5.89
C LEU A 114 0.65 -11.94 -4.81
N ASN A 115 0.61 -10.68 -5.25
CA ASN A 115 0.50 -9.56 -4.33
C ASN A 115 -0.86 -9.63 -3.64
N VAL A 116 -1.90 -9.92 -4.42
CA VAL A 116 -3.24 -10.02 -3.86
C VAL A 116 -3.33 -11.27 -2.97
N ALA A 117 -2.66 -12.34 -3.38
CA ALA A 117 -2.66 -13.58 -2.61
C ALA A 117 -2.12 -13.31 -1.19
N LEU A 118 -1.00 -12.59 -1.11
CA LEU A 118 -0.38 -12.26 0.16
C LEU A 118 -1.34 -11.45 1.04
N ARG A 119 -2.00 -10.47 0.43
CA ARG A 119 -2.95 -9.62 1.15
C ARG A 119 -4.16 -10.38 1.66
N GLN A 120 -4.82 -11.14 0.79
CA GLN A 120 -6.02 -11.90 1.14
C GLN A 120 -5.75 -13.04 2.14
N GLU A 121 -4.70 -13.80 1.92
CA GLU A 121 -4.40 -14.92 2.80
C GLU A 121 -3.94 -14.53 4.19
N LEU A 122 -3.34 -13.35 4.32
CA LEU A 122 -2.89 -12.88 5.63
C LEU A 122 -3.91 -11.91 6.20
N ASP A 123 -4.99 -11.68 5.46
CA ASP A 123 -6.06 -10.78 5.85
C ASP A 123 -5.54 -9.37 6.16
N LEU A 124 -4.63 -8.89 5.31
CA LEU A 124 -4.07 -7.56 5.45
C LEU A 124 -5.08 -6.64 4.75
N TYR A 125 -6.18 -6.36 5.45
CA TYR A 125 -7.28 -5.58 4.93
C TYR A 125 -7.06 -4.09 4.65
N ILE A 126 -5.94 -3.55 5.10
CA ILE A 126 -5.66 -2.14 4.86
C ILE A 126 -4.49 -1.98 3.91
N CYS A 127 -4.72 -1.29 2.80
CA CYS A 127 -3.64 -1.01 1.86
C CYS A 127 -3.42 0.47 2.14
N LEU A 128 -2.33 0.79 2.82
CA LEU A 128 -2.02 2.16 3.20
C LEU A 128 -1.02 2.78 2.24
N ARG A 129 -1.45 3.84 1.55
CA ARG A 129 -0.61 4.52 0.58
C ARG A 129 -0.54 6.03 0.78
N PRO A 130 0.46 6.52 1.51
CA PRO A 130 0.56 7.97 1.72
C PRO A 130 1.26 8.58 0.49
N VAL A 131 0.70 9.69 0.00
CA VAL A 131 1.29 10.36 -1.15
C VAL A 131 1.53 11.84 -0.86
N ARG A 132 2.79 12.21 -0.84
CA ARG A 132 3.20 13.59 -0.60
C ARG A 132 4.21 13.94 -1.68
N TYR A 133 4.56 15.21 -1.77
CA TYR A 133 5.53 15.67 -2.76
C TYR A 133 6.87 15.93 -2.07
N TYR A 134 7.95 15.58 -2.76
CA TYR A 134 9.30 15.82 -2.25
C TYR A 134 9.87 16.94 -3.12
N GLN A 135 10.09 18.11 -2.53
CA GLN A 135 10.62 19.26 -3.26
C GLN A 135 11.82 18.88 -4.12
N GLY A 136 11.76 19.27 -5.39
CA GLY A 136 12.84 18.96 -6.32
C GLY A 136 12.48 17.83 -7.28
N THR A 137 11.38 17.14 -6.99
CA THR A 137 10.95 16.04 -7.84
C THR A 137 10.29 16.55 -9.12
N PRO A 138 10.78 16.10 -10.30
CA PRO A 138 10.16 16.54 -11.55
C PRO A 138 8.74 16.00 -11.64
N SER A 139 7.77 16.91 -11.72
CA SER A 139 6.35 16.56 -11.77
C SER A 139 5.66 17.13 -13.02
N PRO A 140 4.61 16.42 -13.51
CA PRO A 140 3.88 16.88 -14.69
C PRO A 140 2.85 17.96 -14.38
N VAL A 141 2.61 18.21 -13.10
CA VAL A 141 1.62 19.24 -12.73
C VAL A 141 2.31 20.51 -12.22
N LYS A 142 1.57 21.62 -12.24
CA LYS A 142 2.11 22.91 -11.80
C LYS A 142 2.33 23.03 -10.29
N HIS A 143 1.44 22.44 -9.49
CA HIS A 143 1.57 22.55 -8.04
C HIS A 143 1.45 21.24 -7.28
N PRO A 144 2.42 20.34 -7.47
CA PRO A 144 2.39 19.04 -6.79
C PRO A 144 2.52 19.15 -5.27
N GLU A 145 3.08 20.27 -4.79
CA GLU A 145 3.25 20.46 -3.35
C GLU A 145 1.92 20.53 -2.60
N LEU A 146 0.83 20.78 -3.31
CA LEU A 146 -0.49 20.85 -2.70
C LEU A 146 -1.05 19.47 -2.37
N THR A 147 -0.34 18.43 -2.83
CA THR A 147 -0.78 17.07 -2.56
C THR A 147 -0.09 16.50 -1.32
N ASP A 148 -0.90 16.10 -0.35
CA ASP A 148 -0.44 15.52 0.90
C ASP A 148 -1.61 14.68 1.37
N MET A 149 -1.74 13.48 0.81
CA MET A 149 -2.86 12.62 1.14
C MET A 149 -2.41 11.26 1.65
N VAL A 150 -3.32 10.56 2.32
CA VAL A 150 -3.04 9.23 2.86
C VAL A 150 -4.21 8.35 2.46
N ILE A 151 -3.92 7.37 1.60
CA ILE A 151 -4.96 6.49 1.09
C ILE A 151 -5.16 5.21 1.88
N PHE A 152 -6.41 5.00 2.33
CA PHE A 152 -6.78 3.79 3.04
C PHE A 152 -7.66 3.02 2.07
N ARG A 153 -7.02 2.08 1.36
CA ARG A 153 -7.69 1.26 0.38
C ARG A 153 -8.07 -0.10 0.97
N GLU A 154 -9.36 -0.43 0.89
CA GLU A 154 -9.88 -1.69 1.39
C GLU A 154 -9.16 -2.78 0.58
N ASN A 155 -8.59 -3.75 1.28
CA ASN A 155 -7.78 -4.80 0.65
C ASN A 155 -8.32 -6.23 0.59
N SER A 156 -9.54 -6.48 1.07
CA SER A 156 -10.04 -7.86 1.07
C SER A 156 -11.33 -8.16 0.30
N GLU A 157 -11.94 -7.14 -0.27
CA GLU A 157 -13.20 -7.33 -0.99
C GLU A 157 -13.14 -6.71 -2.39
N ASP A 158 -14.30 -6.35 -2.93
CA ASP A 158 -14.42 -5.74 -4.26
C ASP A 158 -14.14 -6.78 -5.35
N ILE A 159 -14.29 -6.38 -6.62
CA ILE A 159 -14.04 -7.26 -7.77
C ILE A 159 -12.61 -7.76 -7.72
N TYR A 160 -11.77 -7.02 -7.01
CA TYR A 160 -10.37 -7.34 -6.83
C TYR A 160 -10.21 -8.68 -6.11
N ALA A 161 -11.31 -9.20 -5.56
CA ALA A 161 -11.29 -10.47 -4.85
C ALA A 161 -11.10 -11.69 -5.75
N GLY A 162 -11.18 -11.50 -7.07
CA GLY A 162 -10.98 -12.60 -8.00
C GLY A 162 -12.08 -13.65 -8.15
N ILE A 163 -13.33 -13.22 -8.03
CA ILE A 163 -14.47 -14.12 -8.18
C ILE A 163 -15.06 -13.87 -9.56
N GLU A 164 -14.81 -14.79 -10.48
CA GLU A 164 -15.29 -14.65 -11.85
C GLU A 164 -15.27 -15.97 -12.62
N TRP A 165 -15.97 -15.99 -13.75
CA TRP A 165 -16.05 -17.17 -14.61
C TRP A 165 -15.93 -16.76 -16.08
N LYS A 166 -15.16 -17.54 -16.82
CA LYS A 166 -14.89 -17.33 -18.24
C LYS A 166 -16.09 -17.49 -19.16
N ALA A 167 -16.18 -16.61 -20.15
CA ALA A 167 -17.26 -16.65 -21.14
C ALA A 167 -17.28 -18.02 -21.81
N ASP A 168 -18.48 -18.58 -21.95
CA ASP A 168 -18.71 -19.88 -22.55
C ASP A 168 -18.35 -21.08 -21.66
N SER A 169 -17.89 -20.83 -20.44
CA SER A 169 -17.55 -21.92 -19.54
C SER A 169 -18.87 -22.44 -18.98
N ALA A 170 -18.89 -23.69 -18.53
CA ALA A 170 -20.09 -24.28 -17.96
C ALA A 170 -20.51 -23.49 -16.72
N ASP A 171 -19.52 -23.03 -15.96
CA ASP A 171 -19.78 -22.25 -14.74
C ASP A 171 -20.45 -20.91 -15.07
N ALA A 172 -19.92 -20.20 -16.06
CA ALA A 172 -20.48 -18.92 -16.46
C ALA A 172 -21.93 -19.09 -16.90
N GLU A 173 -22.21 -20.11 -17.70
CA GLU A 173 -23.55 -20.39 -18.18
C GLU A 173 -24.47 -20.64 -16.98
N LYS A 174 -23.97 -21.43 -16.04
CA LYS A 174 -24.71 -21.76 -14.82
C LYS A 174 -25.09 -20.52 -14.02
N VAL A 175 -24.10 -19.65 -13.78
CA VAL A 175 -24.36 -18.42 -13.02
C VAL A 175 -25.35 -17.54 -13.77
N ILE A 176 -25.12 -17.32 -15.06
CA ILE A 176 -26.00 -16.48 -15.86
C ILE A 176 -27.43 -17.02 -15.88
N LYS A 177 -27.54 -18.34 -16.00
CA LYS A 177 -28.86 -18.97 -16.00
C LYS A 177 -29.55 -18.65 -14.68
N PHE A 178 -28.85 -18.91 -13.58
CA PHE A 178 -29.39 -18.63 -12.24
C PHE A 178 -29.85 -17.19 -12.10
N LEU A 179 -29.00 -16.24 -12.49
CA LEU A 179 -29.30 -14.83 -12.40
C LEU A 179 -30.57 -14.45 -13.17
N ARG A 180 -30.67 -14.93 -14.41
CA ARG A 180 -31.82 -14.62 -15.25
C ARG A 180 -33.11 -15.32 -14.89
N GLU A 181 -33.03 -16.62 -14.63
CA GLU A 181 -34.22 -17.41 -14.33
C GLU A 181 -34.68 -17.38 -12.88
N GLU A 182 -33.76 -17.39 -11.94
CA GLU A 182 -34.10 -17.38 -10.53
C GLU A 182 -34.05 -16.00 -9.86
N MET A 183 -33.14 -15.14 -10.31
CA MET A 183 -33.07 -13.80 -9.74
C MET A 183 -33.81 -12.78 -10.60
N GLY A 184 -34.29 -13.22 -11.76
CA GLY A 184 -35.02 -12.35 -12.65
C GLY A 184 -34.21 -11.20 -13.21
N VAL A 185 -32.90 -11.41 -13.37
CA VAL A 185 -32.05 -10.36 -13.91
C VAL A 185 -32.30 -10.16 -15.40
N LYS A 186 -32.55 -8.93 -15.79
CA LYS A 186 -32.83 -8.59 -17.18
C LYS A 186 -31.83 -7.61 -17.80
N LYS A 187 -30.91 -7.07 -17.00
CA LYS A 187 -29.93 -6.11 -17.51
C LYS A 187 -28.65 -6.65 -18.14
N ILE A 188 -28.58 -7.95 -18.39
CA ILE A 188 -27.40 -8.53 -19.03
C ILE A 188 -27.66 -8.40 -20.54
N ARG A 189 -27.10 -7.36 -21.14
CA ARG A 189 -27.27 -7.06 -22.56
C ARG A 189 -27.07 -8.26 -23.50
N PHE A 190 -25.97 -8.99 -23.30
CA PHE A 190 -25.66 -10.16 -24.12
C PHE A 190 -25.31 -11.32 -23.20
N PRO A 191 -26.29 -12.19 -22.91
CA PRO A 191 -26.10 -13.34 -22.03
C PRO A 191 -25.15 -14.41 -22.56
N GLU A 192 -25.00 -14.49 -23.88
CA GLU A 192 -24.12 -15.48 -24.51
C GLU A 192 -22.69 -14.97 -24.63
N HIS A 193 -21.72 -15.89 -24.51
CA HIS A 193 -20.29 -15.58 -24.63
C HIS A 193 -20.04 -14.38 -23.74
N CYS A 194 -20.51 -14.52 -22.50
CA CYS A 194 -20.43 -13.46 -21.51
C CYS A 194 -19.67 -13.87 -20.26
N GLY A 195 -18.61 -13.13 -19.97
CA GLY A 195 -17.84 -13.37 -18.76
C GLY A 195 -18.59 -12.71 -17.61
N ILE A 196 -18.45 -13.25 -16.40
CA ILE A 196 -19.15 -12.70 -15.24
C ILE A 196 -18.23 -12.56 -14.03
N GLY A 197 -18.32 -11.43 -13.34
CA GLY A 197 -17.49 -11.18 -12.17
C GLY A 197 -18.39 -10.76 -11.03
N ILE A 198 -17.99 -11.07 -9.80
CA ILE A 198 -18.77 -10.71 -8.61
C ILE A 198 -18.07 -9.65 -7.79
N LYS A 199 -18.83 -8.64 -7.37
CA LYS A 199 -18.29 -7.53 -6.57
C LYS A 199 -18.97 -7.52 -5.18
N PRO A 200 -18.27 -8.02 -4.15
CA PRO A 200 -18.83 -8.04 -2.80
C PRO A 200 -18.34 -6.88 -1.94
N CYS A 201 -19.19 -6.41 -1.04
CA CYS A 201 -18.85 -5.32 -0.12
C CYS A 201 -19.70 -5.51 1.12
N SER A 202 -19.04 -5.82 2.24
CA SER A 202 -19.75 -6.06 3.48
C SER A 202 -19.61 -4.94 4.50
N GLU A 203 -20.50 -4.95 5.49
CA GLU A 203 -20.49 -3.97 6.56
C GLU A 203 -19.23 -4.10 7.41
N GLU A 204 -18.87 -5.33 7.78
CA GLU A 204 -17.68 -5.53 8.60
C GLU A 204 -16.42 -5.12 7.85
N GLY A 205 -16.38 -5.44 6.54
CA GLY A 205 -15.24 -5.10 5.72
C GLY A 205 -15.08 -3.59 5.60
N THR A 206 -16.18 -2.91 5.34
CA THR A 206 -16.17 -1.46 5.20
C THR A 206 -15.76 -0.81 6.52
N LYS A 207 -16.42 -1.20 7.60
CA LYS A 207 -16.13 -0.61 8.91
C LYS A 207 -14.72 -0.80 9.46
N ARG A 208 -14.12 -1.97 9.29
CA ARG A 208 -12.77 -2.13 9.81
C ARG A 208 -11.79 -1.25 9.03
N LEU A 209 -12.05 -1.05 7.74
CA LEU A 209 -11.17 -0.20 6.92
C LEU A 209 -11.36 1.26 7.34
N VAL A 210 -12.61 1.71 7.39
CA VAL A 210 -12.91 3.09 7.76
C VAL A 210 -12.51 3.41 9.20
N ARG A 211 -12.57 2.42 10.09
CA ARG A 211 -12.18 2.58 11.48
C ARG A 211 -10.69 2.92 11.53
N ALA A 212 -9.90 2.16 10.77
CA ALA A 212 -8.46 2.39 10.70
C ALA A 212 -8.14 3.78 10.15
N ALA A 213 -8.93 4.19 9.15
CA ALA A 213 -8.76 5.50 8.52
C ALA A 213 -8.98 6.64 9.50
N ILE A 214 -10.08 6.57 10.26
CA ILE A 214 -10.39 7.63 11.22
C ILE A 214 -9.39 7.62 12.36
N GLU A 215 -9.00 6.43 12.83
CA GLU A 215 -8.03 6.34 13.90
C GLU A 215 -6.71 6.96 13.46
N TYR A 216 -6.38 6.79 12.18
CA TYR A 216 -5.15 7.34 11.63
C TYR A 216 -5.23 8.85 11.61
N ALA A 217 -6.38 9.39 11.21
CA ALA A 217 -6.58 10.84 11.16
C ALA A 217 -6.41 11.41 12.57
N ILE A 218 -6.91 10.69 13.57
CA ILE A 218 -6.81 11.13 14.96
C ILE A 218 -5.35 11.08 15.41
N ALA A 219 -4.73 9.91 15.29
CA ALA A 219 -3.35 9.71 15.69
C ALA A 219 -2.37 10.67 15.04
N ASN A 220 -2.66 11.06 13.80
CA ASN A 220 -1.76 11.95 13.08
C ASN A 220 -2.29 13.37 12.93
N ASP A 221 -3.35 13.68 13.66
CA ASP A 221 -3.96 15.01 13.63
C ASP A 221 -4.21 15.53 12.21
N ARG A 222 -4.83 14.69 11.38
CA ARG A 222 -5.14 15.05 10.00
C ARG A 222 -6.45 15.83 9.98
N ASP A 223 -6.66 16.60 8.91
CA ASP A 223 -7.84 17.47 8.79
C ASP A 223 -9.17 16.83 8.38
N SER A 224 -9.12 15.75 7.61
CA SER A 224 -10.38 15.15 7.17
C SER A 224 -10.20 13.76 6.61
N VAL A 225 -11.32 13.06 6.50
CA VAL A 225 -11.37 11.72 5.94
C VAL A 225 -12.45 11.79 4.87
N THR A 226 -12.07 11.48 3.63
CA THR A 226 -13.02 11.51 2.52
C THR A 226 -13.33 10.09 2.05
N LEU A 227 -14.61 9.75 2.08
CA LEU A 227 -15.08 8.46 1.61
C LEU A 227 -15.28 8.63 0.10
N VAL A 228 -14.47 7.94 -0.69
CA VAL A 228 -14.56 8.04 -2.14
C VAL A 228 -15.27 6.79 -2.64
N HIS A 229 -16.28 6.98 -3.48
CA HIS A 229 -17.09 5.86 -3.94
C HIS A 229 -17.86 6.19 -5.21
N MET A 230 -18.54 5.19 -5.75
CA MET A 230 -19.36 5.34 -6.96
C MET A 230 -20.77 4.87 -6.60
N GLY A 231 -21.27 5.41 -5.48
CA GLY A 231 -22.59 5.03 -4.98
C GLY A 231 -23.78 5.47 -5.79
N ASN A 232 -23.59 6.43 -6.68
CA ASN A 232 -24.66 6.91 -7.53
C ASN A 232 -25.03 5.86 -8.58
N ILE A 233 -24.09 4.98 -8.89
CA ILE A 233 -24.30 3.91 -9.88
C ILE A 233 -24.42 2.55 -9.18
N MET A 234 -23.49 2.26 -8.27
CA MET A 234 -23.49 1.01 -7.52
C MET A 234 -23.92 1.30 -6.08
N LYS A 235 -25.22 1.39 -5.88
CA LYS A 235 -25.81 1.69 -4.59
C LYS A 235 -25.56 0.68 -3.48
N PHE A 236 -25.62 -0.60 -3.83
CA PHE A 236 -25.45 -1.65 -2.83
C PHE A 236 -24.07 -2.10 -2.44
N THR A 237 -23.05 -1.62 -3.16
CA THR A 237 -21.69 -1.99 -2.81
C THR A 237 -20.93 -0.72 -2.46
N GLU A 238 -20.70 0.13 -3.46
CA GLU A 238 -20.00 1.39 -3.26
C GLU A 238 -20.83 2.33 -2.40
N GLY A 239 -22.13 2.40 -2.68
CA GLY A 239 -23.02 3.26 -1.92
C GLY A 239 -23.10 2.83 -0.47
N ALA A 240 -23.20 1.52 -0.25
CA ALA A 240 -23.26 0.98 1.10
C ALA A 240 -21.95 1.31 1.83
N PHE A 241 -20.83 1.25 1.11
CA PHE A 241 -19.52 1.56 1.69
C PHE A 241 -19.55 2.97 2.29
N LYS A 242 -20.02 3.93 1.51
CA LYS A 242 -20.12 5.31 1.98
C LYS A 242 -21.06 5.39 3.19
N ASP A 243 -22.23 4.77 3.07
CA ASP A 243 -23.21 4.76 4.15
C ASP A 243 -22.62 4.22 5.45
N TRP A 244 -22.01 3.04 5.38
CA TRP A 244 -21.40 2.41 6.54
C TRP A 244 -20.25 3.25 7.09
N GLY A 245 -19.53 3.93 6.21
CA GLY A 245 -18.42 4.77 6.64
C GLY A 245 -18.92 5.91 7.50
N TYR A 246 -19.97 6.58 7.05
CA TYR A 246 -20.56 7.67 7.80
C TYR A 246 -21.15 7.13 9.11
N GLN A 247 -21.87 6.01 9.02
CA GLN A 247 -22.47 5.41 10.19
C GLN A 247 -21.42 5.12 11.25
N LEU A 248 -20.28 4.55 10.83
CA LEU A 248 -19.21 4.24 11.76
C LEU A 248 -18.72 5.51 12.44
N ALA A 249 -18.58 6.58 11.66
CA ALA A 249 -18.12 7.85 12.21
C ALA A 249 -19.08 8.34 13.29
N ARG A 250 -20.37 8.15 13.08
CA ARG A 250 -21.37 8.58 14.06
C ARG A 250 -21.40 7.69 15.30
N GLU A 251 -21.47 6.39 15.06
CA GLU A 251 -21.58 5.42 16.14
C GLU A 251 -20.34 5.20 17.00
N GLU A 252 -19.15 5.35 16.44
CA GLU A 252 -17.94 5.12 17.21
C GLU A 252 -17.04 6.31 17.47
N PHE A 253 -17.25 7.41 16.74
CA PHE A 253 -16.40 8.57 16.93
C PHE A 253 -17.16 9.86 17.21
N GLY A 254 -18.42 9.72 17.63
CA GLY A 254 -19.23 10.87 17.96
C GLY A 254 -19.39 11.89 16.85
N GLY A 255 -19.48 11.41 15.62
CA GLY A 255 -19.64 12.31 14.49
C GLY A 255 -20.87 13.18 14.61
N GLU A 256 -20.71 14.48 14.37
CA GLU A 256 -21.82 15.43 14.42
C GLU A 256 -22.06 15.99 13.01
N LEU A 257 -23.30 16.38 12.74
CA LEU A 257 -23.67 16.92 11.43
C LEU A 257 -23.18 18.34 11.16
N ILE A 258 -22.58 18.54 10.00
CA ILE A 258 -22.12 19.86 9.60
C ILE A 258 -23.22 20.45 8.71
N ASP A 259 -23.75 21.60 9.10
CA ASP A 259 -24.80 22.27 8.33
C ASP A 259 -26.02 21.36 8.16
N GLY A 260 -26.46 21.15 6.92
CA GLY A 260 -27.62 20.30 6.67
C GLY A 260 -27.21 18.94 6.16
N GLY A 261 -25.93 18.60 6.33
CA GLY A 261 -25.44 17.32 5.87
C GLY A 261 -24.92 17.40 4.45
N PRO A 262 -24.30 16.33 3.94
CA PRO A 262 -24.08 15.07 4.66
C PRO A 262 -22.76 15.00 5.46
N TRP A 263 -21.94 16.05 5.35
CA TRP A 263 -20.65 16.04 6.05
C TRP A 263 -20.81 15.99 7.57
N LEU A 264 -19.83 15.36 8.22
CA LEU A 264 -19.80 15.20 9.66
C LEU A 264 -18.48 15.73 10.20
N LYS A 265 -18.44 16.02 11.49
CA LYS A 265 -17.21 16.47 12.13
C LYS A 265 -16.99 15.56 13.32
N VAL A 266 -15.76 15.06 13.43
CA VAL A 266 -15.35 14.18 14.50
C VAL A 266 -14.28 14.92 15.28
N LYS A 267 -14.51 15.09 16.59
CA LYS A 267 -13.56 15.79 17.43
C LYS A 267 -12.36 14.93 17.72
N ASN A 268 -11.17 15.44 17.45
CA ASN A 268 -9.95 14.69 17.75
C ASN A 268 -9.82 14.75 19.27
N PRO A 269 -9.94 13.60 19.94
CA PRO A 269 -9.84 13.48 21.40
C PRO A 269 -8.52 13.92 22.03
N ASN A 270 -7.53 14.17 21.21
CA ASN A 270 -6.22 14.57 21.69
C ASN A 270 -5.89 16.03 21.44
N THR A 271 -6.27 16.53 20.25
CA THR A 271 -5.97 17.91 19.89
C THR A 271 -7.17 18.85 19.89
N GLY A 272 -8.37 18.29 19.92
CA GLY A 272 -9.56 19.11 19.89
C GLY A 272 -9.92 19.55 18.48
N LYS A 273 -9.09 19.19 17.50
CA LYS A 273 -9.35 19.55 16.10
C LYS A 273 -10.61 18.86 15.62
N GLU A 274 -11.42 19.59 14.84
CA GLU A 274 -12.64 19.02 14.29
C GLU A 274 -12.32 18.40 12.93
N ILE A 275 -12.23 17.08 12.90
CA ILE A 275 -11.93 16.33 11.68
C ILE A 275 -13.19 16.20 10.82
N VAL A 276 -13.13 16.72 9.60
CA VAL A 276 -14.27 16.64 8.68
C VAL A 276 -14.35 15.27 8.01
N ILE A 277 -15.54 14.68 8.04
CA ILE A 277 -15.79 13.40 7.39
C ILE A 277 -16.70 13.77 6.23
N LYS A 278 -16.22 13.53 5.01
CA LYS A 278 -17.01 13.87 3.83
C LYS A 278 -16.95 12.76 2.78
N ASP A 279 -17.54 12.98 1.61
CA ASP A 279 -17.54 11.97 0.56
C ASP A 279 -17.56 12.62 -0.83
N VAL A 280 -16.94 11.96 -1.81
CA VAL A 280 -16.88 12.46 -3.17
C VAL A 280 -17.01 11.27 -4.13
N ILE A 281 -17.80 11.45 -5.18
CA ILE A 281 -17.99 10.40 -6.18
C ILE A 281 -16.62 10.19 -6.84
N ALA A 282 -16.25 8.92 -7.00
CA ALA A 282 -14.94 8.53 -7.53
C ALA A 282 -14.45 9.21 -8.80
N ASP A 283 -15.30 9.28 -9.84
CA ASP A 283 -14.88 9.91 -11.09
C ASP A 283 -14.59 11.38 -10.90
N ALA A 284 -15.42 12.05 -10.11
CA ALA A 284 -15.24 13.47 -9.84
C ALA A 284 -13.98 13.65 -8.97
N PHE A 285 -13.74 12.69 -8.09
CA PHE A 285 -12.58 12.75 -7.20
C PHE A 285 -11.28 12.74 -8.00
N LEU A 286 -11.26 11.96 -9.08
CA LEU A 286 -10.07 11.89 -9.93
C LEU A 286 -9.80 13.25 -10.57
N GLN A 287 -10.82 14.08 -10.66
CA GLN A 287 -10.66 15.42 -11.21
C GLN A 287 -10.23 16.35 -10.07
N GLN A 288 -10.90 16.23 -8.92
CA GLN A 288 -10.62 17.07 -7.76
C GLN A 288 -9.19 16.96 -7.23
N ILE A 289 -8.56 15.79 -7.34
CA ILE A 289 -7.18 15.67 -6.86
C ILE A 289 -6.24 16.54 -7.69
N LEU A 290 -6.62 16.82 -8.93
CA LEU A 290 -5.82 17.67 -9.81
C LEU A 290 -6.17 19.15 -9.61
N LEU A 291 -7.48 19.42 -9.56
CA LEU A 291 -8.02 20.77 -9.43
C LEU A 291 -7.99 21.40 -8.04
N ARG A 292 -8.25 20.60 -7.01
CA ARG A 292 -8.28 21.10 -5.63
C ARG A 292 -7.66 20.10 -4.65
N PRO A 293 -6.40 19.70 -4.89
CA PRO A 293 -5.73 18.74 -4.02
C PRO A 293 -5.64 19.14 -2.54
N ALA A 294 -5.47 20.44 -2.27
CA ALA A 294 -5.34 20.93 -0.89
C ALA A 294 -6.56 20.65 -0.01
N GLU A 295 -7.70 20.38 -0.62
CA GLU A 295 -8.92 20.11 0.13
C GLU A 295 -9.04 18.67 0.62
N TYR A 296 -8.08 17.83 0.25
CA TYR A 296 -8.13 16.43 0.65
C TYR A 296 -6.97 16.00 1.51
N ASP A 297 -7.20 15.00 2.36
CA ASP A 297 -6.19 14.51 3.28
C ASP A 297 -6.27 12.99 3.36
N VAL A 298 -6.98 12.46 4.35
CA VAL A 298 -7.11 11.01 4.51
C VAL A 298 -8.26 10.57 3.59
N ILE A 299 -8.03 9.51 2.85
CA ILE A 299 -9.01 8.97 1.90
C ILE A 299 -9.32 7.53 2.29
N ALA A 300 -10.60 7.17 2.28
CA ALA A 300 -11.02 5.81 2.60
C ALA A 300 -11.86 5.36 1.41
N CYS A 301 -11.46 4.27 0.76
CA CYS A 301 -12.18 3.80 -0.40
C CYS A 301 -12.04 2.29 -0.59
N MET A 302 -12.80 1.75 -1.54
CA MET A 302 -12.77 0.33 -1.84
C MET A 302 -11.50 -0.04 -2.62
N ASN A 303 -11.29 -1.34 -2.76
CA ASN A 303 -10.12 -1.91 -3.41
C ASN A 303 -9.71 -1.32 -4.77
N LEU A 304 -10.58 -1.48 -5.76
CA LEU A 304 -10.30 -0.99 -7.11
C LEU A 304 -10.09 0.52 -7.17
N ASN A 305 -11.02 1.28 -6.59
CA ASN A 305 -10.89 2.73 -6.59
C ASN A 305 -9.60 3.16 -5.92
N GLY A 306 -9.23 2.46 -4.85
CA GLY A 306 -8.01 2.78 -4.13
C GLY A 306 -6.79 2.57 -5.00
N ASP A 307 -6.82 1.50 -5.79
CA ASP A 307 -5.72 1.20 -6.70
C ASP A 307 -5.58 2.35 -7.70
N TYR A 308 -6.69 2.82 -8.26
CA TYR A 308 -6.65 3.90 -9.23
C TYR A 308 -6.19 5.22 -8.63
N ILE A 309 -6.80 5.58 -7.50
CA ILE A 309 -6.49 6.81 -6.80
C ILE A 309 -5.01 6.87 -6.40
N SER A 310 -4.51 5.78 -5.81
CA SER A 310 -3.11 5.72 -5.37
C SER A 310 -2.14 5.91 -6.54
N ASP A 311 -2.43 5.27 -7.67
CA ASP A 311 -1.57 5.38 -8.83
C ASP A 311 -1.63 6.78 -9.45
N ALA A 312 -2.84 7.33 -9.58
CA ALA A 312 -3.03 8.65 -10.15
C ALA A 312 -2.30 9.70 -9.30
N LEU A 313 -2.45 9.60 -7.98
CA LEU A 313 -1.81 10.53 -7.05
C LEU A 313 -0.29 10.44 -7.12
N ALA A 314 0.21 9.21 -7.17
CA ALA A 314 1.65 8.99 -7.25
C ALA A 314 2.22 9.64 -8.51
N ALA A 315 1.50 9.51 -9.61
CA ALA A 315 1.93 10.08 -10.90
C ALA A 315 2.05 11.59 -10.87
N GLN A 316 1.01 12.27 -10.38
CA GLN A 316 1.00 13.72 -10.35
C GLN A 316 2.08 14.41 -9.52
N VAL A 317 2.56 13.75 -8.47
CA VAL A 317 3.62 14.33 -7.61
C VAL A 317 4.99 13.87 -8.09
N GLY A 318 5.05 13.21 -9.25
CA GLY A 318 6.31 12.71 -9.76
C GLY A 318 6.84 11.53 -8.96
N GLY A 319 5.95 10.87 -8.22
CA GLY A 319 6.34 9.75 -7.38
C GLY A 319 5.97 8.36 -7.87
N ILE A 320 5.79 8.21 -9.19
CA ILE A 320 5.42 6.92 -9.76
C ILE A 320 6.38 5.82 -9.30
N GLY A 321 7.66 6.16 -9.18
CA GLY A 321 8.66 5.20 -8.78
C GLY A 321 9.13 5.28 -7.33
N ILE A 322 8.58 6.22 -6.56
CA ILE A 322 8.99 6.35 -5.16
C ILE A 322 7.79 6.37 -4.19
N ALA A 323 6.69 5.76 -4.62
CA ALA A 323 5.48 5.70 -3.81
C ALA A 323 5.55 4.57 -2.80
N PRO A 324 5.50 4.88 -1.49
CA PRO A 324 5.55 3.86 -0.45
C PRO A 324 4.19 3.20 -0.30
N GLY A 325 4.17 1.99 0.25
CA GLY A 325 2.93 1.28 0.46
C GLY A 325 3.05 0.24 1.55
N ALA A 326 1.94 -0.03 2.22
CA ALA A 326 1.90 -1.02 3.29
C ALA A 326 0.58 -1.77 3.24
N ASN A 327 0.61 -3.03 3.64
CA ASN A 327 -0.58 -3.87 3.70
C ASN A 327 -0.63 -4.26 5.17
N ILE A 328 -1.60 -3.71 5.90
CA ILE A 328 -1.71 -3.93 7.34
C ILE A 328 -2.95 -4.72 7.77
N GLY A 329 -2.76 -5.66 8.69
CA GLY A 329 -3.85 -6.45 9.23
C GLY A 329 -3.76 -6.38 10.74
N ASP A 330 -4.61 -7.12 11.45
CA ASP A 330 -4.61 -7.12 12.92
C ASP A 330 -3.48 -7.95 13.54
N GLU A 331 -2.99 -8.93 12.79
CA GLU A 331 -1.92 -9.80 13.28
C GLU A 331 -0.53 -9.55 12.69
N CYS A 332 -0.47 -9.01 11.48
CA CYS A 332 0.83 -8.73 10.87
C CYS A 332 0.74 -7.63 9.82
N ALA A 333 1.87 -7.29 9.22
CA ALA A 333 1.93 -6.25 8.21
C ALA A 333 3.05 -6.52 7.23
N LEU A 334 2.79 -6.22 5.96
CA LEU A 334 3.76 -6.43 4.88
C LEU A 334 3.93 -5.13 4.08
N PHE A 335 5.12 -4.55 4.18
CA PHE A 335 5.44 -3.31 3.48
C PHE A 335 6.01 -3.68 2.10
N GLU A 336 5.77 -2.84 1.10
CA GLU A 336 6.21 -3.21 -0.25
C GLU A 336 6.54 -2.09 -1.22
N ALA A 337 7.42 -2.41 -2.17
CA ALA A 337 7.77 -1.47 -3.22
C ALA A 337 6.45 -1.51 -4.01
N THR A 338 5.99 -0.38 -4.51
CA THR A 338 4.70 -0.36 -5.21
C THR A 338 4.73 -0.36 -6.73
N HIS A 339 5.92 -0.22 -7.30
CA HIS A 339 6.09 -0.21 -8.74
C HIS A 339 6.22 -1.64 -9.27
N GLY A 340 6.39 -1.74 -10.58
CA GLY A 340 6.55 -3.03 -11.22
C GLY A 340 7.96 -3.57 -11.10
N THR A 341 8.20 -4.69 -11.75
CA THR A 341 9.50 -5.37 -11.73
C THR A 341 10.53 -4.91 -12.76
N ALA A 342 10.10 -4.16 -13.79
CA ALA A 342 11.00 -3.64 -14.84
C ALA A 342 12.19 -4.56 -15.14
N PRO A 343 11.92 -5.82 -15.53
CA PRO A 343 12.95 -6.80 -15.85
C PRO A 343 14.04 -6.37 -16.83
N LYS A 344 13.73 -5.41 -17.69
CA LYS A 344 14.71 -4.93 -18.66
C LYS A 344 15.94 -4.33 -17.99
N TYR A 345 15.75 -3.67 -16.86
CA TYR A 345 16.85 -3.03 -16.14
C TYR A 345 17.39 -3.85 -14.97
N ALA A 346 16.78 -5.00 -14.70
CA ALA A 346 17.21 -5.83 -13.58
C ALA A 346 18.72 -6.08 -13.55
N GLY A 347 19.33 -5.83 -12.40
CA GLY A 347 20.75 -6.04 -12.22
C GLY A 347 21.65 -4.93 -12.72
N GLN A 348 21.07 -3.91 -13.34
CA GLN A 348 21.87 -2.80 -13.88
C GLN A 348 22.18 -1.71 -12.85
N ASP A 349 21.68 -1.88 -11.63
CA ASP A 349 21.91 -0.93 -10.55
C ASP A 349 21.53 0.47 -11.05
N LYS A 350 20.39 0.54 -11.73
CA LYS A 350 19.93 1.78 -12.33
C LYS A 350 18.61 2.37 -11.83
N VAL A 351 17.65 1.51 -11.49
CA VAL A 351 16.34 1.98 -11.04
C VAL A 351 16.30 2.72 -9.70
N ASN A 352 15.22 3.47 -9.49
CA ASN A 352 15.04 4.24 -8.27
C ASN A 352 14.62 3.35 -7.09
N PRO A 353 15.44 3.30 -6.02
CA PRO A 353 15.09 2.46 -4.86
C PRO A 353 14.18 3.21 -3.88
N GLY A 354 13.74 4.42 -4.27
CA GLY A 354 12.91 5.24 -3.42
C GLY A 354 11.62 4.65 -2.88
N SER A 355 10.91 3.89 -3.70
CA SER A 355 9.66 3.28 -3.26
C SER A 355 9.85 2.30 -2.10
N ILE A 356 10.70 1.30 -2.29
CA ILE A 356 10.94 0.30 -1.25
C ILE A 356 11.56 0.95 0.00
N ILE A 357 12.41 1.96 -0.19
CA ILE A 357 13.03 2.66 0.94
C ILE A 357 11.97 3.39 1.76
N LEU A 358 11.10 4.13 1.09
CA LEU A 358 10.04 4.86 1.78
C LEU A 358 9.05 3.88 2.43
N SER A 359 8.93 2.68 1.85
CA SER A 359 8.04 1.66 2.44
C SER A 359 8.72 1.13 3.70
N ALA A 360 10.05 1.12 3.69
CA ALA A 360 10.81 0.67 4.86
C ALA A 360 10.66 1.75 5.93
N GLU A 361 10.52 2.99 5.49
CA GLU A 361 10.33 4.12 6.40
C GLU A 361 8.99 3.88 7.12
N MET A 362 7.97 3.48 6.36
CA MET A 362 6.66 3.19 6.92
C MET A 362 6.77 2.03 7.92
N MET A 363 7.59 1.04 7.55
CA MET A 363 7.78 -0.14 8.38
C MET A 363 8.40 0.24 9.73
N LEU A 364 9.47 1.03 9.67
CA LEU A 364 10.16 1.48 10.87
C LEU A 364 9.21 2.25 11.78
N ARG A 365 8.40 3.13 11.19
CA ARG A 365 7.45 3.91 11.95
C ARG A 365 6.42 2.98 12.60
N HIS A 366 5.99 1.96 11.86
CA HIS A 366 5.02 0.97 12.33
C HIS A 366 5.56 0.21 13.54
N MET A 367 6.87 -0.03 13.54
CA MET A 367 7.53 -0.74 14.64
C MET A 367 7.75 0.17 15.85
N GLY A 368 7.42 1.45 15.70
CA GLY A 368 7.60 2.40 16.79
C GLY A 368 8.97 3.05 16.74
N TRP A 369 9.78 2.73 15.72
CA TRP A 369 11.11 3.31 15.58
C TRP A 369 11.02 4.59 14.75
N THR A 370 10.28 5.57 15.26
CA THR A 370 10.07 6.83 14.57
C THR A 370 11.31 7.67 14.25
N GLU A 371 12.32 7.58 15.10
CA GLU A 371 13.55 8.34 14.90
C GLU A 371 14.23 7.89 13.61
N ALA A 372 14.39 6.57 13.47
CA ALA A 372 15.00 5.98 12.28
C ALA A 372 14.18 6.33 11.03
N ALA A 373 12.85 6.25 11.17
CA ALA A 373 11.95 6.57 10.07
C ALA A 373 12.13 8.03 9.67
N ASP A 374 12.21 8.90 10.66
CA ASP A 374 12.40 10.34 10.43
C ASP A 374 13.71 10.59 9.69
N LEU A 375 14.73 9.81 10.03
CA LEU A 375 16.04 9.93 9.37
C LEU A 375 15.95 9.57 7.88
N ILE A 376 15.19 8.53 7.56
CA ILE A 376 15.03 8.15 6.16
C ILE A 376 14.29 9.27 5.41
N VAL A 377 13.22 9.80 6.01
CA VAL A 377 12.47 10.87 5.36
C VAL A 377 13.39 12.05 5.09
N LYS A 378 14.21 12.37 6.09
CA LYS A 378 15.15 13.48 5.97
C LYS A 378 16.16 13.22 4.86
N GLY A 379 16.70 12.01 4.81
CA GLY A 379 17.67 11.66 3.78
C GLY A 379 17.10 11.74 2.38
N MET A 380 15.86 11.26 2.22
CA MET A 380 15.19 11.28 0.92
C MET A 380 14.96 12.72 0.48
N GLU A 381 14.46 13.55 1.39
CA GLU A 381 14.21 14.95 1.08
C GLU A 381 15.49 15.66 0.66
N GLY A 382 16.57 15.43 1.39
CA GLY A 382 17.83 16.06 1.06
C GLY A 382 18.41 15.61 -0.27
N ALA A 383 18.43 14.30 -0.50
CA ALA A 383 18.97 13.74 -1.74
C ALA A 383 18.22 14.26 -2.97
N ILE A 384 16.90 14.23 -2.91
CA ILE A 384 16.09 14.69 -4.02
C ILE A 384 16.29 16.20 -4.23
N ASN A 385 16.27 16.96 -3.14
CA ASN A 385 16.47 18.40 -3.23
C ASN A 385 17.88 18.75 -3.73
N ALA A 386 18.85 17.88 -3.47
CA ALA A 386 20.22 18.10 -3.90
C ALA A 386 20.40 17.81 -5.40
N LYS A 387 19.35 17.27 -6.02
CA LYS A 387 19.35 16.93 -7.43
C LYS A 387 20.34 15.83 -7.77
N THR A 388 20.67 14.99 -6.79
CA THR A 388 21.57 13.87 -6.99
C THR A 388 20.58 12.71 -7.05
N VAL A 389 20.19 12.32 -8.25
CA VAL A 389 19.17 11.30 -8.41
C VAL A 389 19.38 10.26 -9.50
N THR A 390 18.54 9.24 -9.49
CA THR A 390 18.58 8.16 -10.48
C THR A 390 18.04 8.67 -11.83
N TYR A 391 18.26 7.87 -12.88
CA TYR A 391 17.87 8.23 -14.24
C TYR A 391 16.43 8.68 -14.45
N ASP A 392 15.48 8.01 -13.80
CA ASP A 392 14.07 8.34 -13.94
C ASP A 392 13.72 9.76 -13.56
N PHE A 393 14.48 10.34 -12.64
CA PHE A 393 14.26 11.72 -12.22
C PHE A 393 15.11 12.60 -13.13
N GLU A 394 16.39 12.27 -13.19
CA GLU A 394 17.40 12.99 -13.96
C GLU A 394 17.02 13.31 -15.40
N ARG A 395 16.40 12.35 -16.10
CA ARG A 395 16.00 12.54 -17.49
C ARG A 395 14.93 13.62 -17.67
N LEU A 396 14.25 13.98 -16.60
CA LEU A 396 13.21 15.01 -16.67
C LEU A 396 13.72 16.33 -16.11
N MET A 397 15.01 16.39 -15.79
CA MET A 397 15.61 17.58 -15.20
C MET A 397 16.86 18.08 -15.89
N ASP A 398 17.20 19.33 -15.61
CA ASP A 398 18.40 19.96 -16.12
C ASP A 398 19.24 20.29 -14.88
N GLY A 399 20.55 20.10 -15.00
CA GLY A 399 21.44 20.40 -13.90
C GLY A 399 21.37 19.43 -12.75
N ALA A 400 21.04 18.17 -13.04
CA ALA A 400 20.98 17.14 -12.01
C ALA A 400 22.17 16.20 -12.16
N LYS A 401 22.57 15.56 -11.06
CA LYS A 401 23.67 14.62 -11.09
C LYS A 401 23.07 13.23 -11.14
N LEU A 402 23.41 12.49 -12.19
CA LEU A 402 22.92 11.13 -12.39
C LEU A 402 23.61 10.17 -11.44
N LEU A 403 22.80 9.38 -10.73
CA LEU A 403 23.33 8.41 -9.78
C LEU A 403 22.73 7.04 -10.05
N LYS A 404 23.52 6.01 -9.74
CA LYS A 404 23.08 4.65 -9.87
C LYS A 404 22.15 4.40 -8.68
N CYS A 405 21.45 3.27 -8.71
CA CYS A 405 20.54 2.89 -7.66
C CYS A 405 21.25 2.88 -6.29
N SER A 406 22.37 2.15 -6.22
CA SER A 406 23.15 2.06 -5.00
C SER A 406 23.66 3.43 -4.54
N GLU A 407 24.09 4.25 -5.50
CA GLU A 407 24.60 5.57 -5.20
C GLU A 407 23.53 6.49 -4.62
N PHE A 408 22.29 6.32 -5.08
CA PHE A 408 21.19 7.14 -4.58
C PHE A 408 20.91 6.69 -3.15
N GLY A 409 21.11 5.40 -2.89
CA GLY A 409 20.91 4.89 -1.54
C GLY A 409 21.91 5.62 -0.64
N ASP A 410 23.15 5.72 -1.10
CA ASP A 410 24.19 6.41 -0.34
C ASP A 410 23.85 7.88 -0.13
N ALA A 411 23.32 8.52 -1.17
CA ALA A 411 22.93 9.92 -1.10
C ALA A 411 21.91 10.14 0.01
N ILE A 412 20.96 9.22 0.14
CA ILE A 412 19.95 9.29 1.17
C ILE A 412 20.66 9.25 2.53
N ILE A 413 21.53 8.26 2.70
CA ILE A 413 22.31 8.12 3.93
C ILE A 413 23.08 9.40 4.23
N GLU A 414 23.76 9.94 3.23
CA GLU A 414 24.55 11.16 3.37
C GLU A 414 23.73 12.38 3.78
N ASN A 415 22.44 12.34 3.48
CA ASN A 415 21.54 13.44 3.83
C ASN A 415 20.77 13.25 5.13
N MET A 416 21.03 12.15 5.82
CA MET A 416 20.35 11.84 7.09
C MET A 416 20.78 12.78 8.22
MN MN B . -1.08 -0.78 -8.69
S SO4 C . -3.68 -17.18 -16.85
O1 SO4 C . -3.31 -16.87 -15.44
O2 SO4 C . -5.17 -17.11 -16.96
O3 SO4 C . -3.01 -16.26 -17.81
O4 SO4 C . -3.17 -18.52 -17.26
C1 AKG D . -1.85 -3.07 -6.66
O1 AKG D . -2.91 -3.64 -6.34
O2 AKG D . -1.64 -1.85 -6.47
C2 AKG D . -0.97 -3.75 -7.52
O5 AKG D . -0.81 -3.17 -8.60
C3 AKG D . -0.09 -4.90 -7.09
C4 AKG D . 0.24 -5.85 -8.24
C5 AKG D . -0.78 -6.96 -8.42
O3 AKG D . -0.38 -8.07 -8.82
O4 AKG D . -1.99 -6.74 -8.16
#